data_2JQW
#
_entry.id   2JQW
#
_entity_poly.entity_id   1
_entity_poly.type   'polypeptide(L)'
_entity_poly.pdbx_seq_one_letter_code
;YASPKCFRYPNGVLACT
;
_entity_poly.pdbx_strand_id   A
#
# COMPACT_ATOMS: atom_id res chain seq x y z
N TYR A 1 6.13 3.06 -10.27
CA TYR A 1 7.47 2.89 -9.65
C TYR A 1 7.41 1.86 -8.53
N ALA A 2 6.46 2.03 -7.62
CA ALA A 2 6.35 1.17 -6.47
C ALA A 2 5.03 0.41 -6.45
N SER A 3 4.95 -0.61 -5.61
CA SER A 3 3.74 -1.39 -5.45
C SER A 3 2.91 -0.88 -4.28
N PRO A 4 1.58 -0.89 -4.40
CA PRO A 4 0.67 -0.44 -3.33
C PRO A 4 0.44 -1.50 -2.27
N LYS A 5 1.52 -2.12 -1.79
CA LYS A 5 1.41 -3.06 -0.69
C LYS A 5 0.81 -2.38 0.54
N CYS A 6 -0.04 -3.13 1.26
CA CYS A 6 -0.86 -2.61 2.37
C CYS A 6 -0.19 -1.49 3.14
N PHE A 7 0.92 -1.78 3.78
CA PHE A 7 1.67 -0.74 4.42
C PHE A 7 2.85 -0.33 3.56
N ARG A 8 2.53 0.36 2.47
CA ARG A 8 3.51 0.77 1.49
C ARG A 8 4.49 1.77 2.11
N TYR A 9 4.01 2.46 3.15
CA TYR A 9 4.82 3.37 3.94
C TYR A 9 4.01 3.90 5.11
N PRO A 10 2.78 4.43 4.89
CA PRO A 10 1.93 4.90 5.98
C PRO A 10 0.89 3.85 6.44
N ASN A 11 0.51 2.95 5.53
CA ASN A 11 -0.55 1.96 5.80
C ASN A 11 -1.89 2.65 6.01
N GLY A 12 -2.05 3.78 5.33
CA GLY A 12 -3.30 4.52 5.42
C GLY A 12 -4.34 4.00 4.46
N VAL A 13 -4.11 4.21 3.17
CA VAL A 13 -4.97 3.67 2.14
C VAL A 13 -4.41 2.34 1.66
N LEU A 14 -4.80 1.26 2.33
CA LEU A 14 -4.34 -0.06 1.96
C LEU A 14 -5.10 -0.53 0.75
N ALA A 15 -4.64 -0.14 -0.42
CA ALA A 15 -5.25 -0.61 -1.64
C ALA A 15 -4.82 -2.06 -1.92
N CYS A 16 -5.29 -2.97 -1.09
CA CYS A 16 -4.95 -4.38 -1.20
C CYS A 16 -6.18 -5.16 -1.63
N THR A 17 -7.25 -5.00 -0.86
CA THR A 17 -8.50 -5.67 -1.14
C THR A 17 -9.64 -4.79 -0.66
N TYR A 1 9.78 -0.13 -9.77
CA TYR A 1 10.23 -0.30 -8.36
C TYR A 1 9.06 -0.03 -7.41
N ALA A 2 8.35 1.07 -7.63
CA ALA A 2 7.24 1.45 -6.78
C ALA A 2 6.04 0.54 -7.01
N SER A 3 5.61 -0.12 -5.95
CA SER A 3 4.45 -0.98 -5.99
C SER A 3 3.78 -1.00 -4.62
N PRO A 4 2.60 -0.36 -4.52
CA PRO A 4 1.88 -0.22 -3.26
C PRO A 4 1.48 -1.56 -2.66
N LYS A 5 2.20 -1.95 -1.64
CA LYS A 5 1.82 -3.08 -0.83
C LYS A 5 0.85 -2.57 0.21
N CYS A 6 0.16 -3.46 0.94
CA CYS A 6 -0.86 -3.05 1.91
C CYS A 6 -0.41 -1.85 2.72
N PHE A 7 0.64 -2.00 3.50
CA PHE A 7 1.28 -0.87 4.13
C PHE A 7 2.45 -0.42 3.28
N ARG A 8 2.17 0.42 2.29
CA ARG A 8 3.20 0.86 1.36
C ARG A 8 4.23 1.71 2.06
N TYR A 9 3.78 2.41 3.08
CA TYR A 9 4.65 3.16 3.96
C TYR A 9 3.87 3.64 5.18
N PRO A 10 2.70 4.30 5.00
CA PRO A 10 1.84 4.67 6.08
C PRO A 10 0.54 3.87 6.09
N ASN A 11 0.53 2.72 5.40
CA ASN A 11 -0.70 1.96 5.17
C ASN A 11 -1.84 2.89 4.80
N GLY A 12 -2.75 3.06 5.71
CA GLY A 12 -3.82 4.04 5.55
C GLY A 12 -4.79 3.67 4.45
N VAL A 13 -4.57 4.23 3.27
CA VAL A 13 -5.29 3.85 2.08
C VAL A 13 -4.76 2.51 1.58
N LEU A 14 -5.07 1.47 2.32
CA LEU A 14 -4.56 0.15 2.06
C LEU A 14 -5.21 -0.48 0.85
N ALA A 15 -4.65 -0.21 -0.31
CA ALA A 15 -5.06 -0.90 -1.52
C ALA A 15 -4.10 -2.05 -1.81
N CYS A 16 -4.60 -3.27 -1.74
CA CYS A 16 -3.80 -4.45 -1.97
C CYS A 16 -4.69 -5.68 -2.13
N THR A 17 -5.02 -6.00 -3.38
CA THR A 17 -5.85 -7.15 -3.66
C THR A 17 -5.09 -8.16 -4.53
N TYR A 1 7.33 2.16 -12.12
CA TYR A 1 6.84 0.78 -11.92
C TYR A 1 6.91 0.43 -10.45
N ALA A 2 5.75 0.45 -9.80
CA ALA A 2 5.67 0.18 -8.37
C ALA A 2 4.30 -0.39 -8.00
N SER A 3 4.29 -1.25 -7.01
CA SER A 3 3.05 -1.86 -6.55
C SER A 3 2.64 -1.28 -5.20
N PRO A 4 1.35 -0.97 -5.01
CA PRO A 4 0.85 -0.46 -3.73
C PRO A 4 0.67 -1.58 -2.70
N LYS A 5 1.80 -2.06 -2.19
CA LYS A 5 1.78 -3.14 -1.21
C LYS A 5 1.09 -2.70 0.06
N CYS A 6 0.41 -3.62 0.73
CA CYS A 6 -0.28 -3.34 1.97
C CYS A 6 0.68 -2.65 2.93
N PHE A 7 0.17 -1.61 3.61
CA PHE A 7 1.01 -0.66 4.33
C PHE A 7 2.28 -0.34 3.54
N ARG A 8 2.10 0.46 2.49
CA ARG A 8 3.17 0.73 1.54
C ARG A 8 4.25 1.60 2.16
N TYR A 9 3.84 2.34 3.18
CA TYR A 9 4.73 3.17 3.95
C TYR A 9 3.95 3.74 5.14
N PRO A 10 2.76 4.34 4.91
CA PRO A 10 1.92 4.87 5.97
C PRO A 10 0.63 4.09 6.17
N ASN A 11 0.57 2.87 5.63
CA ASN A 11 -0.69 2.13 5.49
C ASN A 11 -1.80 3.06 5.03
N GLY A 12 -2.75 3.28 5.91
CA GLY A 12 -3.79 4.25 5.67
C GLY A 12 -4.76 3.81 4.60
N VAL A 13 -4.37 4.02 3.36
CA VAL A 13 -5.11 3.51 2.22
C VAL A 13 -4.41 2.25 1.75
N LEU A 14 -4.76 1.13 2.33
CA LEU A 14 -4.10 -0.12 2.04
C LEU A 14 -4.76 -0.77 0.85
N ALA A 15 -4.68 -0.10 -0.27
CA ALA A 15 -5.33 -0.60 -1.47
C ALA A 15 -4.48 -1.69 -2.11
N CYS A 16 -4.76 -2.92 -1.71
CA CYS A 16 -4.06 -4.08 -2.24
C CYS A 16 -5.00 -4.91 -3.10
N THR A 17 -6.28 -4.92 -2.72
CA THR A 17 -7.31 -5.64 -3.44
C THR A 17 -8.51 -4.74 -3.64
N TYR A 1 5.70 0.56 -12.36
CA TYR A 1 5.07 1.46 -11.38
C TYR A 1 4.85 0.74 -10.07
N ALA A 2 5.33 1.33 -8.99
CA ALA A 2 5.20 0.76 -7.66
C ALA A 2 3.74 0.68 -7.24
N SER A 3 3.27 -0.54 -7.10
CA SER A 3 1.91 -0.79 -6.65
C SER A 3 1.83 -0.75 -5.14
N PRO A 4 0.85 -0.03 -4.58
CA PRO A 4 0.70 0.17 -3.14
C PRO A 4 0.48 -1.14 -2.38
N LYS A 5 1.56 -1.73 -1.87
CA LYS A 5 1.47 -2.91 -1.03
C LYS A 5 1.06 -2.52 0.38
N CYS A 6 0.54 -3.48 1.13
CA CYS A 6 0.05 -3.21 2.47
C CYS A 6 1.12 -2.54 3.31
N PHE A 7 0.71 -1.48 4.03
CA PHE A 7 1.64 -0.58 4.74
C PHE A 7 2.89 -0.31 3.92
N ARG A 8 2.67 0.29 2.75
CA ARG A 8 3.74 0.61 1.82
C ARG A 8 4.70 1.62 2.42
N TYR A 9 4.12 2.54 3.18
CA TYR A 9 4.87 3.52 3.94
C TYR A 9 3.98 4.05 5.05
N PRO A 10 2.75 4.54 4.76
CA PRO A 10 1.81 4.95 5.77
C PRO A 10 0.69 3.93 6.02
N ASN A 11 0.53 2.98 5.09
CA ASN A 11 -0.61 2.04 5.08
C ASN A 11 -1.88 2.79 4.75
N GLY A 12 -2.39 3.46 5.76
CA GLY A 12 -3.50 4.39 5.61
C GLY A 12 -4.63 3.88 4.75
N VAL A 13 -4.78 4.45 3.58
CA VAL A 13 -5.72 3.95 2.61
C VAL A 13 -5.12 2.73 1.89
N LEU A 14 -5.32 1.57 2.50
CA LEU A 14 -4.78 0.33 1.98
C LEU A 14 -5.38 0.00 0.63
N ALA A 15 -4.54 -0.05 -0.39
CA ALA A 15 -5.00 -0.39 -1.72
C ALA A 15 -4.27 -1.64 -2.22
N CYS A 16 -3.84 -2.46 -1.28
CA CYS A 16 -3.10 -3.67 -1.61
C CYS A 16 -4.05 -4.84 -1.85
N THR A 17 -3.74 -5.63 -2.87
CA THR A 17 -4.57 -6.77 -3.23
C THR A 17 -4.07 -8.03 -2.53
N TYR A 1 6.20 0.01 -12.04
CA TYR A 1 7.13 -1.00 -11.50
C TYR A 1 6.75 -1.35 -10.07
N ALA A 2 6.76 -0.37 -9.19
CA ALA A 2 6.46 -0.59 -7.79
C ALA A 2 4.97 -0.80 -7.59
N SER A 3 4.62 -1.94 -7.01
CA SER A 3 3.23 -2.28 -6.76
C SER A 3 2.89 -2.03 -5.30
N PRO A 4 1.90 -1.17 -5.03
CA PRO A 4 1.52 -0.79 -3.67
C PRO A 4 1.23 -1.99 -2.77
N LYS A 5 1.86 -2.00 -1.60
CA LYS A 5 1.59 -3.01 -0.59
C LYS A 5 0.81 -2.35 0.53
N CYS A 6 0.03 -3.14 1.28
CA CYS A 6 -0.87 -2.62 2.32
C CYS A 6 -0.25 -1.47 3.08
N PHE A 7 0.78 -1.76 3.87
CA PHE A 7 1.58 -0.71 4.45
C PHE A 7 2.74 -0.41 3.52
N ARG A 8 2.53 0.56 2.64
CA ARG A 8 3.53 0.87 1.64
C ARG A 8 4.56 1.81 2.23
N TYR A 9 4.09 2.54 3.21
CA TYR A 9 4.87 3.40 4.07
C TYR A 9 3.88 3.94 5.08
N PRO A 10 2.68 4.35 4.60
CA PRO A 10 1.48 4.35 5.41
C PRO A 10 0.64 3.10 5.14
N ASN A 11 -0.20 2.76 6.11
CA ASN A 11 -1.17 1.70 5.96
C ASN A 11 -2.54 2.35 5.92
N GLY A 12 -2.52 3.61 5.54
CA GLY A 12 -3.72 4.41 5.48
C GLY A 12 -4.65 3.94 4.41
N VAL A 13 -4.41 4.38 3.19
CA VAL A 13 -5.13 3.85 2.05
C VAL A 13 -4.44 2.56 1.61
N LEU A 14 -4.56 1.54 2.44
CA LEU A 14 -3.91 0.27 2.16
C LEU A 14 -4.61 -0.48 1.03
N ALA A 15 -4.47 0.01 -0.17
CA ALA A 15 -4.93 -0.71 -1.34
C ALA A 15 -3.88 -1.71 -1.77
N CYS A 16 -4.14 -2.97 -1.55
CA CYS A 16 -3.14 -3.99 -1.81
C CYS A 16 -3.54 -4.84 -3.02
N THR A 17 -4.66 -5.56 -2.89
CA THR A 17 -5.16 -6.43 -3.95
C THR A 17 -6.62 -6.77 -3.69
N TYR A 1 4.87 -4.47 -12.16
CA TYR A 1 5.22 -3.11 -11.74
C TYR A 1 5.05 -2.97 -10.23
N ALA A 2 5.36 -1.80 -9.72
CA ALA A 2 5.27 -1.55 -8.29
C ALA A 2 3.82 -1.46 -7.83
N SER A 3 3.49 -2.28 -6.84
CA SER A 3 2.18 -2.27 -6.24
C SER A 3 2.28 -1.70 -4.83
N PRO A 4 1.30 -0.88 -4.43
CA PRO A 4 1.26 -0.30 -3.08
C PRO A 4 0.99 -1.37 -2.03
N LYS A 5 2.03 -1.76 -1.31
CA LYS A 5 1.91 -2.76 -0.26
C LYS A 5 0.94 -2.29 0.80
N CYS A 6 0.28 -3.22 1.47
CA CYS A 6 -0.72 -2.90 2.49
C CYS A 6 -0.24 -1.77 3.38
N PHE A 7 0.98 -1.89 3.87
CA PHE A 7 1.64 -0.77 4.52
C PHE A 7 2.84 -0.35 3.69
N ARG A 8 2.58 0.40 2.62
CA ARG A 8 3.64 0.79 1.71
C ARG A 8 4.55 1.79 2.38
N TYR A 9 3.99 2.52 3.34
CA TYR A 9 4.74 3.41 4.20
C TYR A 9 3.85 3.87 5.36
N PRO A 10 2.64 4.41 5.08
CA PRO A 10 1.73 4.88 6.12
C PRO A 10 0.56 3.94 6.40
N ASN A 11 0.39 2.90 5.55
CA ASN A 11 -0.73 1.95 5.63
C ASN A 11 -2.05 2.67 5.86
N GLY A 12 -2.25 3.74 5.10
CA GLY A 12 -3.43 4.56 5.28
C GLY A 12 -4.62 4.04 4.51
N VAL A 13 -4.68 4.39 3.22
CA VAL A 13 -5.70 3.85 2.35
C VAL A 13 -5.12 2.64 1.63
N LEU A 14 -5.31 1.48 2.23
CA LEU A 14 -4.71 0.26 1.74
C LEU A 14 -5.36 -0.16 0.42
N ALA A 15 -4.53 -0.35 -0.60
CA ALA A 15 -4.99 -0.80 -1.90
C ALA A 15 -4.10 -1.94 -2.38
N CYS A 16 -3.65 -2.75 -1.45
CA CYS A 16 -2.74 -3.84 -1.76
C CYS A 16 -3.50 -5.04 -2.35
N THR A 17 -4.31 -5.69 -1.54
CA THR A 17 -5.09 -6.85 -1.99
C THR A 17 -6.45 -6.86 -1.31
N TYR A 1 9.05 4.47 -8.29
CA TYR A 1 7.66 4.02 -8.45
C TYR A 1 7.45 2.67 -7.78
N ALA A 2 6.56 2.61 -6.81
CA ALA A 2 6.31 1.38 -6.10
C ALA A 2 4.82 1.15 -5.93
N SER A 3 4.40 -0.10 -5.98
CA SER A 3 2.99 -0.45 -5.83
C SER A 3 2.54 -0.33 -4.37
N PRO A 4 1.33 0.20 -4.14
CA PRO A 4 0.74 0.36 -2.79
C PRO A 4 0.43 -0.98 -2.11
N LYS A 5 1.47 -1.70 -1.71
CA LYS A 5 1.30 -2.91 -0.91
C LYS A 5 0.89 -2.53 0.51
N CYS A 6 0.35 -3.48 1.26
CA CYS A 6 -0.11 -3.20 2.62
C CYS A 6 1.01 -2.54 3.43
N PHE A 7 0.64 -1.46 4.14
CA PHE A 7 1.60 -0.54 4.78
C PHE A 7 2.79 -0.28 3.87
N ARG A 8 2.53 0.46 2.79
CA ARG A 8 3.50 0.67 1.74
C ARG A 8 4.62 1.62 2.18
N TYR A 9 4.27 2.54 3.05
CA TYR A 9 5.24 3.40 3.73
C TYR A 9 4.55 4.00 4.95
N PRO A 10 3.28 4.46 4.82
CA PRO A 10 2.41 4.63 5.94
C PRO A 10 1.52 3.39 6.10
N ASN A 11 0.46 3.35 5.28
CA ASN A 11 -0.54 2.27 5.25
C ASN A 11 -1.83 2.88 4.79
N GLY A 12 -2.47 3.50 5.73
CA GLY A 12 -3.62 4.36 5.49
C GLY A 12 -4.69 3.73 4.63
N VAL A 13 -5.00 4.38 3.53
CA VAL A 13 -5.93 3.84 2.58
C VAL A 13 -5.28 2.71 1.78
N LEU A 14 -5.38 1.49 2.30
CA LEU A 14 -4.72 0.35 1.68
C LEU A 14 -5.36 0.03 0.34
N ALA A 15 -4.54 -0.18 -0.67
CA ALA A 15 -5.02 -0.60 -1.97
C ALA A 15 -4.65 -2.05 -2.20
N CYS A 16 -4.43 -2.75 -1.11
CA CYS A 16 -3.97 -4.13 -1.15
C CYS A 16 -5.01 -5.07 -0.56
N THR A 17 -5.22 -6.19 -1.22
CA THR A 17 -6.15 -7.21 -0.74
C THR A 17 -5.52 -8.60 -0.90
N TYR A 1 11.05 0.77 -5.13
CA TYR A 1 11.46 -0.62 -5.43
C TYR A 1 10.26 -1.41 -5.92
N ALA A 2 9.12 -1.26 -5.25
CA ALA A 2 7.92 -1.99 -5.63
C ALA A 2 6.69 -1.08 -5.58
N SER A 3 5.61 -1.55 -6.18
CA SER A 3 4.35 -0.84 -6.17
C SER A 3 3.68 -0.97 -4.80
N PRO A 4 2.83 0.00 -4.42
CA PRO A 4 2.13 0.00 -3.13
C PRO A 4 1.51 -1.32 -2.75
N LYS A 5 2.05 -1.96 -1.72
CA LYS A 5 1.48 -3.19 -1.20
C LYS A 5 1.13 -3.04 0.28
N CYS A 6 -0.17 -3.08 0.56
CA CYS A 6 -0.72 -2.82 1.90
C CYS A 6 -0.08 -1.59 2.57
N PHE A 7 1.00 -1.76 3.30
CA PHE A 7 1.67 -0.61 3.88
C PHE A 7 2.66 -0.03 2.88
N ARG A 8 2.18 0.83 2.00
CA ARG A 8 3.01 1.43 0.97
C ARG A 8 3.88 2.54 1.55
N TYR A 9 3.60 2.85 2.81
CA TYR A 9 4.44 3.71 3.64
C TYR A 9 3.81 3.88 5.03
N PRO A 10 2.57 4.40 5.15
CA PRO A 10 1.95 4.63 6.45
C PRO A 10 0.86 3.61 6.80
N ASN A 11 0.59 2.68 5.88
CA ASN A 11 -0.50 1.69 6.00
C ASN A 11 -1.85 2.38 6.21
N GLY A 12 -1.91 3.66 5.86
CA GLY A 12 -3.14 4.42 5.97
C GLY A 12 -4.07 4.14 4.83
N VAL A 13 -3.71 4.64 3.65
CA VAL A 13 -4.43 4.31 2.44
C VAL A 13 -4.07 2.89 2.01
N LEU A 14 -4.95 1.95 2.31
CA LEU A 14 -4.67 0.56 2.06
C LEU A 14 -5.35 0.07 0.80
N ALA A 15 -4.58 -0.59 -0.04
CA ALA A 15 -5.11 -1.29 -1.19
C ALA A 15 -4.26 -2.53 -1.43
N CYS A 16 -4.86 -3.69 -1.30
CA CYS A 16 -4.14 -4.94 -1.43
C CYS A 16 -4.97 -5.95 -2.23
N THR A 17 -6.14 -6.27 -1.69
CA THR A 17 -7.07 -7.17 -2.35
C THR A 17 -8.49 -6.90 -1.86
N TYR A 1 6.25 3.19 -12.26
CA TYR A 1 5.31 2.17 -11.78
C TYR A 1 5.64 1.77 -10.35
N ALA A 2 4.61 1.71 -9.51
CA ALA A 2 4.79 1.35 -8.11
C ALA A 2 3.69 0.42 -7.63
N SER A 3 4.09 -0.71 -7.08
CA SER A 3 3.15 -1.68 -6.57
C SER A 3 2.64 -1.25 -5.19
N PRO A 4 1.32 -1.06 -5.06
CA PRO A 4 0.70 -0.64 -3.80
C PRO A 4 0.61 -1.80 -2.80
N LYS A 5 1.73 -2.08 -2.14
CA LYS A 5 1.77 -3.14 -1.14
C LYS A 5 1.08 -2.71 0.13
N CYS A 6 0.54 -3.66 0.87
CA CYS A 6 -0.13 -3.36 2.12
C CYS A 6 0.84 -2.65 3.04
N PHE A 7 0.34 -1.62 3.70
CA PHE A 7 1.18 -0.61 4.36
C PHE A 7 2.38 -0.26 3.50
N ARG A 8 2.11 0.49 2.44
CA ARG A 8 3.12 0.83 1.44
C ARG A 8 4.12 1.82 2.01
N TYR A 9 3.72 2.48 3.09
CA TYR A 9 4.58 3.38 3.83
C TYR A 9 3.86 3.83 5.11
N PRO A 10 2.63 4.40 5.02
CA PRO A 10 1.91 4.87 6.19
C PRO A 10 0.85 3.90 6.69
N ASN A 11 0.47 2.95 5.84
CA ASN A 11 -0.58 1.98 6.14
C ASN A 11 -1.97 2.63 6.15
N GLY A 12 -1.98 3.93 5.90
CA GLY A 12 -3.23 4.68 5.89
C GLY A 12 -4.18 4.19 4.82
N VAL A 13 -3.87 4.50 3.58
CA VAL A 13 -4.66 4.01 2.46
C VAL A 13 -4.07 2.70 1.92
N LEU A 14 -4.45 1.60 2.55
CA LEU A 14 -3.94 0.30 2.13
C LEU A 14 -4.83 -0.32 1.08
N ALA A 15 -4.72 0.18 -0.14
CA ALA A 15 -5.41 -0.42 -1.26
C ALA A 15 -4.55 -1.54 -1.82
N CYS A 16 -4.75 -2.73 -1.28
CA CYS A 16 -4.02 -3.91 -1.75
C CYS A 16 -4.93 -5.12 -1.72
N THR A 17 -6.23 -4.86 -1.68
CA THR A 17 -7.23 -5.91 -1.61
C THR A 17 -8.17 -5.82 -2.80
N TYR A 1 3.33 1.91 -12.32
CA TYR A 1 4.64 1.25 -12.45
C TYR A 1 4.95 0.40 -11.21
N ALA A 2 4.31 0.74 -10.09
CA ALA A 2 4.54 0.01 -8.85
C ALA A 2 3.23 -0.56 -8.31
N SER A 3 3.32 -1.71 -7.66
CA SER A 3 2.16 -2.35 -7.06
C SER A 3 1.99 -1.86 -5.62
N PRO A 4 0.80 -1.39 -5.27
CA PRO A 4 0.52 -0.89 -3.93
C PRO A 4 0.55 -2.02 -2.91
N LYS A 5 1.66 -2.12 -2.21
CA LYS A 5 1.83 -3.17 -1.21
C LYS A 5 1.23 -2.74 0.11
N CYS A 6 0.60 -3.68 0.78
CA CYS A 6 -0.07 -3.42 2.04
C CYS A 6 0.87 -2.70 2.99
N PHE A 7 0.34 -1.67 3.66
CA PHE A 7 1.17 -0.69 4.37
C PHE A 7 2.45 -0.38 3.60
N ARG A 8 2.29 0.39 2.54
CA ARG A 8 3.38 0.71 1.62
C ARG A 8 4.34 1.70 2.27
N TYR A 9 3.84 2.36 3.30
CA TYR A 9 4.64 3.25 4.12
C TYR A 9 3.80 3.77 5.29
N PRO A 10 2.62 4.39 5.03
CA PRO A 10 1.78 4.96 6.08
C PRO A 10 0.55 4.11 6.42
N ASN A 11 0.38 2.99 5.72
CA ASN A 11 -0.82 2.13 5.83
C ASN A 11 -2.13 2.94 5.92
N GLY A 12 -2.19 4.06 5.19
CA GLY A 12 -3.37 4.92 5.25
C GLY A 12 -4.49 4.41 4.37
N VAL A 13 -4.16 4.17 3.12
CA VAL A 13 -5.10 3.59 2.18
C VAL A 13 -4.53 2.27 1.69
N LEU A 14 -4.87 1.19 2.39
CA LEU A 14 -4.27 -0.11 2.11
C LEU A 14 -4.96 -0.79 0.95
N ALA A 15 -4.74 -0.27 -0.22
CA ALA A 15 -5.29 -0.90 -1.40
C ALA A 15 -4.32 -1.96 -1.90
N CYS A 16 -4.63 -3.21 -1.62
CA CYS A 16 -3.75 -4.32 -2.01
C CYS A 16 -4.51 -5.65 -1.98
N THR A 17 -5.37 -5.81 -0.98
CA THR A 17 -6.20 -6.99 -0.88
C THR A 17 -7.50 -6.66 -0.14
N TYR A 1 7.95 3.06 -10.67
CA TYR A 1 7.74 1.59 -10.59
C TYR A 1 7.33 1.23 -9.17
N ALA A 2 6.03 1.19 -8.93
CA ALA A 2 5.52 0.96 -7.60
C ALA A 2 4.16 0.28 -7.62
N SER A 3 3.78 -0.23 -6.46
CA SER A 3 2.49 -0.85 -6.26
C SER A 3 2.11 -0.69 -4.79
N PRO A 4 0.90 -0.23 -4.49
CA PRO A 4 0.46 0.04 -3.13
C PRO A 4 0.22 -1.23 -2.29
N LYS A 5 1.30 -1.93 -1.95
CA LYS A 5 1.22 -3.10 -1.08
C LYS A 5 0.87 -2.65 0.33
N CYS A 6 0.34 -3.54 1.14
CA CYS A 6 -0.12 -3.19 2.46
C CYS A 6 1.02 -2.59 3.28
N PHE A 7 0.70 -1.52 4.02
CA PHE A 7 1.71 -0.67 4.68
C PHE A 7 2.90 -0.43 3.80
N ARG A 8 2.65 0.27 2.70
CA ARG A 8 3.69 0.57 1.75
C ARG A 8 4.61 1.65 2.32
N TYR A 9 4.08 2.39 3.28
CA TYR A 9 4.86 3.37 4.01
C TYR A 9 4.02 3.88 5.19
N PRO A 10 2.78 4.39 4.98
CA PRO A 10 1.94 4.86 6.07
C PRO A 10 0.88 3.85 6.53
N ASN A 11 0.48 2.93 5.64
CA ASN A 11 -0.61 2.00 5.92
C ASN A 11 -1.91 2.79 6.09
N GLY A 12 -2.03 3.84 5.31
CA GLY A 12 -3.20 4.66 5.33
C GLY A 12 -4.31 4.09 4.48
N VAL A 13 -4.55 4.71 3.34
CA VAL A 13 -5.52 4.18 2.38
C VAL A 13 -4.98 2.90 1.74
N LEU A 14 -5.37 1.77 2.29
CA LEU A 14 -4.83 0.49 1.87
C LEU A 14 -5.56 -0.02 0.64
N ALA A 15 -4.88 -0.02 -0.50
CA ALA A 15 -5.46 -0.53 -1.73
C ALA A 15 -4.67 -1.73 -2.24
N CYS A 16 -4.13 -2.49 -1.30
CA CYS A 16 -3.34 -3.66 -1.66
C CYS A 16 -4.24 -4.84 -1.98
N THR A 17 -3.97 -5.47 -3.12
CA THR A 17 -4.72 -6.62 -3.56
C THR A 17 -3.81 -7.85 -3.58
N TYR A 1 8.82 0.29 -11.68
CA TYR A 1 7.54 0.72 -11.08
C TYR A 1 7.16 -0.23 -9.96
N ALA A 2 6.76 0.33 -8.83
CA ALA A 2 6.45 -0.46 -7.66
C ALA A 2 4.94 -0.62 -7.48
N SER A 3 4.53 -1.68 -6.82
CA SER A 3 3.13 -1.93 -6.56
C SER A 3 2.79 -1.46 -5.15
N PRO A 4 1.62 -0.81 -4.97
CA PRO A 4 1.18 -0.34 -3.66
C PRO A 4 0.85 -1.49 -2.72
N LYS A 5 1.88 -1.96 -2.03
CA LYS A 5 1.73 -3.08 -1.11
C LYS A 5 1.11 -2.62 0.19
N CYS A 6 0.47 -3.56 0.89
CA CYS A 6 -0.21 -3.26 2.15
C CYS A 6 0.75 -2.54 3.09
N PHE A 7 0.22 -1.49 3.74
CA PHE A 7 1.04 -0.52 4.48
C PHE A 7 2.32 -0.19 3.72
N ARG A 8 2.14 0.49 2.59
CA ARG A 8 3.22 0.80 1.66
C ARG A 8 4.24 1.72 2.31
N TYR A 9 3.77 2.47 3.29
CA TYR A 9 4.63 3.27 4.15
C TYR A 9 3.81 3.81 5.32
N PRO A 10 2.66 4.49 5.07
CA PRO A 10 1.80 5.01 6.12
C PRO A 10 0.51 4.24 6.27
N ASN A 11 0.49 3.00 5.77
CA ASN A 11 -0.73 2.20 5.67
C ASN A 11 -1.88 3.04 5.14
N GLY A 12 -2.78 3.40 6.01
CA GLY A 12 -3.84 4.34 5.69
C GLY A 12 -4.82 3.77 4.70
N VAL A 13 -4.76 4.25 3.47
CA VAL A 13 -5.51 3.65 2.39
C VAL A 13 -4.71 2.47 1.84
N LEU A 14 -4.91 1.31 2.45
CA LEU A 14 -4.16 0.13 2.06
C LEU A 14 -4.76 -0.52 0.84
N ALA A 15 -4.55 0.10 -0.30
CA ALA A 15 -5.07 -0.48 -1.51
C ALA A 15 -4.08 -1.50 -2.05
N CYS A 16 -4.26 -2.74 -1.61
CA CYS A 16 -3.42 -3.84 -2.03
C CYS A 16 -4.25 -5.10 -2.25
N THR A 17 -5.54 -4.90 -2.36
CA THR A 17 -6.48 -5.99 -2.58
C THR A 17 -7.74 -5.43 -3.23
N TYR A 1 4.56 0.56 -10.84
CA TYR A 1 5.50 -0.49 -11.29
C TYR A 1 6.19 -1.14 -10.11
N ALA A 2 5.83 -0.72 -8.90
CA ALA A 2 6.42 -1.26 -7.69
C ALA A 2 5.42 -2.09 -6.89
N SER A 3 4.19 -2.14 -7.38
CA SER A 3 3.08 -2.81 -6.69
C SER A 3 2.76 -2.15 -5.34
N PRO A 4 1.46 -2.07 -5.01
CA PRO A 4 1.00 -1.49 -3.75
C PRO A 4 1.03 -2.49 -2.59
N LYS A 5 1.93 -2.25 -1.65
CA LYS A 5 2.00 -3.06 -0.45
C LYS A 5 0.93 -2.58 0.51
N CYS A 6 0.32 -3.50 1.27
CA CYS A 6 -0.75 -3.13 2.18
C CYS A 6 -0.35 -1.90 3.01
N PHE A 7 0.76 -1.99 3.70
CA PHE A 7 1.32 -0.80 4.31
C PHE A 7 2.48 -0.31 3.48
N ARG A 8 2.15 0.35 2.37
CA ARG A 8 3.14 0.84 1.44
C ARG A 8 4.08 1.83 2.12
N TYR A 9 3.57 2.48 3.16
CA TYR A 9 4.40 3.27 4.06
C TYR A 9 3.62 3.63 5.32
N PRO A 10 2.45 4.30 5.21
CA PRO A 10 1.67 4.73 6.37
C PRO A 10 0.44 3.86 6.62
N ASN A 11 0.26 2.82 5.80
CA ASN A 11 -0.89 1.89 5.87
C ASN A 11 -2.21 2.63 5.99
N GLY A 12 -2.26 3.83 5.43
CA GLY A 12 -3.46 4.63 5.48
C GLY A 12 -4.42 4.22 4.39
N VAL A 13 -4.03 4.47 3.14
CA VAL A 13 -4.82 4.02 2.01
C VAL A 13 -4.48 2.56 1.69
N LEU A 14 -5.11 1.66 2.41
CA LEU A 14 -4.82 0.25 2.28
C LEU A 14 -5.44 -0.35 1.04
N ALA A 15 -4.79 -0.16 -0.09
CA ALA A 15 -5.21 -0.82 -1.32
C ALA A 15 -4.18 -1.87 -1.73
N CYS A 16 -4.41 -3.10 -1.30
CA CYS A 16 -3.52 -4.21 -1.67
C CYS A 16 -4.35 -5.45 -1.95
N THR A 17 -5.66 -5.27 -1.98
CA THR A 17 -6.60 -6.35 -2.18
C THR A 17 -7.88 -5.78 -2.77
N TYR A 1 9.86 3.95 -7.10
CA TYR A 1 9.67 3.01 -8.22
C TYR A 1 9.21 1.65 -7.69
N ALA A 2 8.46 1.66 -6.59
CA ALA A 2 8.03 0.41 -5.97
C ALA A 2 6.52 0.32 -5.92
N SER A 3 6.00 -0.83 -6.26
CA SER A 3 4.57 -1.09 -6.21
C SER A 3 4.07 -1.10 -4.76
N PRO A 4 2.90 -0.52 -4.51
CA PRO A 4 2.35 -0.36 -3.16
C PRO A 4 1.98 -1.69 -2.52
N LYS A 5 2.47 -1.92 -1.32
CA LYS A 5 2.04 -3.06 -0.53
C LYS A 5 0.97 -2.57 0.43
N CYS A 6 0.33 -3.46 1.19
CA CYS A 6 -0.70 -3.05 2.16
C CYS A 6 -0.22 -1.84 2.94
N PHE A 7 0.87 -2.01 3.64
CA PHE A 7 1.56 -0.87 4.20
C PHE A 7 2.62 -0.43 3.22
N ARG A 8 2.22 0.44 2.32
CA ARG A 8 3.14 0.95 1.34
C ARG A 8 4.12 1.90 2.01
N TYR A 9 3.61 2.60 3.01
CA TYR A 9 4.41 3.45 3.86
C TYR A 9 3.62 3.83 5.11
N PRO A 10 2.37 4.34 4.97
CA PRO A 10 1.54 4.71 6.10
C PRO A 10 0.45 3.68 6.45
N ASN A 11 0.29 2.65 5.59
CA ASN A 11 -0.71 1.59 5.80
C ASN A 11 -2.08 2.16 6.14
N GLY A 12 -2.35 3.35 5.60
CA GLY A 12 -3.61 4.01 5.84
C GLY A 12 -4.56 3.83 4.68
N VAL A 13 -4.29 4.54 3.59
CA VAL A 13 -5.06 4.40 2.38
C VAL A 13 -4.55 3.19 1.57
N LEU A 14 -4.77 2.01 2.14
CA LEU A 14 -4.41 0.77 1.47
C LEU A 14 -5.61 0.25 0.71
N ALA A 15 -5.37 -0.48 -0.37
CA ALA A 15 -6.46 -1.03 -1.17
C ALA A 15 -6.28 -2.53 -1.36
N CYS A 16 -5.59 -3.17 -0.44
CA CYS A 16 -5.34 -4.61 -0.53
C CYS A 16 -6.39 -5.39 0.25
N THR A 17 -7.29 -4.68 0.92
CA THR A 17 -8.33 -5.28 1.73
C THR A 17 -9.70 -4.99 1.13
N TYR A 1 5.20 -2.67 -13.44
CA TYR A 1 4.30 -1.91 -12.55
C TYR A 1 4.52 -2.32 -11.10
N ALA A 2 4.03 -1.52 -10.16
CA ALA A 2 4.18 -1.83 -8.75
C ALA A 2 2.81 -2.01 -8.11
N SER A 3 2.66 -3.11 -7.41
CA SER A 3 1.41 -3.40 -6.74
C SER A 3 1.35 -2.63 -5.41
N PRO A 4 0.18 -2.06 -5.07
CA PRO A 4 -0.02 -1.35 -3.81
C PRO A 4 0.06 -2.26 -2.59
N LYS A 5 1.30 -2.62 -2.24
CA LYS A 5 1.57 -3.52 -1.13
C LYS A 5 0.96 -3.03 0.17
N CYS A 6 0.58 -3.98 1.01
CA CYS A 6 -0.03 -3.66 2.28
C CYS A 6 0.92 -2.83 3.12
N PHE A 7 0.35 -1.85 3.80
CA PHE A 7 1.11 -0.76 4.41
C PHE A 7 2.26 -0.32 3.51
N ARG A 8 1.89 0.24 2.36
CA ARG A 8 2.85 0.63 1.35
C ARG A 8 3.90 1.57 1.93
N TYR A 9 3.48 2.28 2.97
CA TYR A 9 4.38 3.07 3.79
C TYR A 9 3.64 3.52 5.07
N PRO A 10 2.46 4.18 4.94
CA PRO A 10 1.74 4.72 6.08
C PRO A 10 0.54 3.88 6.52
N ASN A 11 0.25 2.82 5.75
CA ASN A 11 -0.94 1.95 5.96
C ASN A 11 -2.22 2.78 6.09
N GLY A 12 -2.15 4.03 5.62
CA GLY A 12 -3.30 4.91 5.62
C GLY A 12 -4.30 4.48 4.56
N VAL A 13 -3.90 4.65 3.32
CA VAL A 13 -4.58 4.01 2.21
C VAL A 13 -4.14 2.56 2.16
N LEU A 14 -5.06 1.67 1.84
CA LEU A 14 -4.77 0.26 1.77
C LEU A 14 -5.42 -0.35 0.53
N ALA A 15 -4.65 -0.58 -0.52
CA ALA A 15 -5.20 -1.15 -1.73
C ALA A 15 -4.69 -2.57 -1.95
N CYS A 16 -4.87 -3.41 -0.94
CA CYS A 16 -4.43 -4.80 -1.00
C CYS A 16 -5.40 -5.67 -0.20
N THR A 17 -5.00 -6.91 0.07
CA THR A 17 -5.83 -7.82 0.84
C THR A 17 -5.49 -7.70 2.33
N TYR A 1 6.43 0.30 -11.79
CA TYR A 1 7.14 -0.68 -10.94
C TYR A 1 6.83 -0.47 -9.46
N ALA A 2 6.09 0.59 -9.15
CA ALA A 2 5.76 0.89 -7.77
C ALA A 2 4.42 0.29 -7.36
N SER A 3 4.47 -0.96 -6.93
CA SER A 3 3.26 -1.63 -6.47
C SER A 3 2.96 -1.26 -5.01
N PRO A 4 1.72 -0.82 -4.74
CA PRO A 4 1.31 -0.45 -3.38
C PRO A 4 1.02 -1.67 -2.53
N LYS A 5 1.94 -1.98 -1.64
CA LYS A 5 1.79 -3.12 -0.75
C LYS A 5 0.99 -2.72 0.47
N CYS A 6 0.35 -3.69 1.11
CA CYS A 6 -0.33 -3.43 2.35
C CYS A 6 0.69 -2.87 3.33
N PHE A 7 0.28 -1.80 4.03
CA PHE A 7 1.18 -0.89 4.72
C PHE A 7 2.40 -0.58 3.87
N ARG A 8 2.21 0.35 2.95
CA ARG A 8 3.21 0.66 1.98
C ARG A 8 4.26 1.59 2.57
N TYR A 9 4.04 2.88 2.47
CA TYR A 9 4.74 3.82 3.32
C TYR A 9 3.81 4.22 4.47
N PRO A 10 2.52 4.50 4.18
CA PRO A 10 1.49 4.55 5.18
C PRO A 10 0.60 3.30 5.15
N ASN A 11 0.16 2.87 6.32
CA ASN A 11 -0.84 1.82 6.43
C ASN A 11 -2.23 2.45 6.44
N GLY A 12 -2.25 3.72 6.07
CA GLY A 12 -3.48 4.48 5.99
C GLY A 12 -4.34 4.09 4.81
N VAL A 13 -4.05 4.66 3.65
CA VAL A 13 -4.77 4.33 2.42
C VAL A 13 -4.30 2.97 1.92
N LEU A 14 -5.02 1.92 2.29
CA LEU A 14 -4.60 0.58 1.98
C LEU A 14 -5.36 0.02 0.79
N ALA A 15 -4.82 0.24 -0.40
CA ALA A 15 -5.36 -0.41 -1.58
C ALA A 15 -4.47 -1.60 -1.91
N CYS A 16 -4.94 -2.79 -1.55
CA CYS A 16 -4.18 -4.02 -1.76
C CYS A 16 -5.01 -5.26 -1.41
N THR A 17 -5.97 -5.11 -0.52
CA THR A 17 -6.84 -6.21 -0.14
C THR A 17 -8.22 -5.69 0.25
N TYR A 1 10.68 -0.95 -8.49
CA TYR A 1 10.03 -0.03 -9.43
C TYR A 1 8.75 0.58 -8.84
N ALA A 2 7.76 -0.26 -8.57
CA ALA A 2 6.47 0.23 -8.09
C ALA A 2 5.60 -0.91 -7.56
N SER A 3 4.29 -0.85 -7.84
CA SER A 3 3.32 -1.82 -7.34
C SER A 3 3.07 -1.62 -5.85
N PRO A 4 1.84 -1.27 -5.47
CA PRO A 4 1.48 -0.96 -4.09
C PRO A 4 1.41 -2.21 -3.21
N LYS A 5 1.66 -2.01 -1.92
CA LYS A 5 1.60 -3.09 -0.95
C LYS A 5 0.98 -2.61 0.34
N CYS A 6 0.45 -3.53 1.13
CA CYS A 6 -0.17 -3.16 2.39
C CYS A 6 0.86 -2.45 3.27
N PHE A 7 0.41 -1.39 3.95
CA PHE A 7 1.29 -0.46 4.67
C PHE A 7 2.50 -0.13 3.84
N ARG A 8 2.25 0.63 2.79
CA ARG A 8 3.25 0.88 1.78
C ARG A 8 4.27 1.90 2.29
N TYR A 9 3.87 2.62 3.32
CA TYR A 9 4.74 3.52 4.05
C TYR A 9 4.06 3.89 5.37
N PRO A 10 2.76 4.23 5.35
CA PRO A 10 1.96 4.34 6.54
C PRO A 10 1.08 3.09 6.74
N ASN A 11 -0.11 3.14 6.14
CA ASN A 11 -1.12 2.09 6.20
C ASN A 11 -2.48 2.72 5.96
N GLY A 12 -2.45 4.01 5.67
CA GLY A 12 -3.66 4.79 5.48
C GLY A 12 -4.54 4.25 4.38
N VAL A 13 -4.21 4.58 3.15
CA VAL A 13 -4.91 4.02 2.02
C VAL A 13 -4.41 2.60 1.76
N LEU A 14 -5.17 1.63 2.23
CA LEU A 14 -4.79 0.24 2.09
C LEU A 14 -5.37 -0.36 0.83
N ALA A 15 -4.80 -0.02 -0.29
CA ALA A 15 -5.19 -0.64 -1.54
C ALA A 15 -4.33 -1.87 -1.80
N CYS A 16 -4.85 -3.03 -1.42
CA CYS A 16 -4.16 -4.29 -1.62
C CYS A 16 -5.03 -5.25 -2.42
N THR A 17 -6.34 -5.20 -2.12
CA THR A 17 -7.35 -6.08 -2.71
C THR A 17 -6.92 -7.55 -2.70
N TYR A 1 4.12 -1.35 -12.59
CA TYR A 1 4.89 -2.12 -11.60
C TYR A 1 4.74 -1.51 -10.20
N ALA A 2 4.20 -0.29 -10.14
CA ALA A 2 4.01 0.40 -8.87
C ALA A 2 2.81 -0.17 -8.10
N SER A 3 3.01 -1.33 -7.51
CA SER A 3 1.98 -1.95 -6.68
C SER A 3 2.18 -1.56 -5.22
N PRO A 4 1.26 -0.76 -4.66
CA PRO A 4 1.37 -0.30 -3.29
C PRO A 4 1.09 -1.41 -2.28
N LYS A 5 2.08 -1.72 -1.47
CA LYS A 5 1.98 -2.82 -0.50
C LYS A 5 1.21 -2.38 0.72
N CYS A 6 0.58 -3.33 1.40
CA CYS A 6 -0.06 -3.05 2.66
C CYS A 6 0.94 -2.39 3.59
N PHE A 7 0.52 -1.31 4.24
CA PHE A 7 1.43 -0.34 4.87
C PHE A 7 2.60 -0.03 3.96
N ARG A 8 2.30 0.78 2.96
CA ARG A 8 3.25 1.15 1.93
C ARG A 8 4.24 2.17 2.46
N TYR A 9 3.81 2.85 3.51
CA TYR A 9 4.61 3.82 4.22
C TYR A 9 3.74 4.36 5.36
N PRO A 10 2.51 4.84 5.06
CA PRO A 10 1.59 5.30 6.08
C PRO A 10 0.47 4.28 6.37
N ASN A 11 0.28 3.31 5.47
CA ASN A 11 -0.87 2.40 5.54
C ASN A 11 -2.12 3.23 5.38
N GLY A 12 -3.23 2.83 5.98
CA GLY A 12 -4.39 3.67 5.97
C GLY A 12 -5.22 3.48 4.72
N VAL A 13 -4.70 3.95 3.59
CA VAL A 13 -5.35 3.73 2.31
C VAL A 13 -4.78 2.47 1.67
N LEU A 14 -5.20 1.32 2.15
CA LEU A 14 -4.62 0.08 1.74
C LEU A 14 -5.18 -0.39 0.41
N ALA A 15 -4.55 -0.01 -0.67
CA ALA A 15 -4.89 -0.56 -1.97
C ALA A 15 -4.19 -1.91 -2.15
N CYS A 16 -4.50 -2.84 -1.27
CA CYS A 16 -3.96 -4.19 -1.34
C CYS A 16 -4.96 -5.20 -0.79
N THR A 17 -6.25 -4.87 -0.91
CA THR A 17 -7.30 -5.71 -0.38
C THR A 17 -8.42 -5.85 -1.41
N TYR A 1 6.04 1.30 -11.68
CA TYR A 1 7.30 0.64 -11.27
C TYR A 1 7.25 0.27 -9.80
N ALA A 2 6.78 1.19 -8.97
CA ALA A 2 6.63 0.94 -7.55
C ALA A 2 5.15 0.76 -7.22
N SER A 3 4.73 -0.49 -7.07
CA SER A 3 3.35 -0.79 -6.74
C SER A 3 3.08 -0.62 -5.25
N PRO A 4 2.01 0.13 -4.91
CA PRO A 4 1.61 0.36 -3.51
C PRO A 4 1.18 -0.93 -2.82
N LYS A 5 2.11 -1.52 -2.10
CA LYS A 5 1.84 -2.74 -1.37
C LYS A 5 1.18 -2.43 -0.05
N CYS A 6 0.70 -3.45 0.64
CA CYS A 6 0.06 -3.28 1.94
C CYS A 6 1.01 -2.55 2.88
N PHE A 7 0.45 -1.58 3.59
CA PHE A 7 1.22 -0.56 4.31
C PHE A 7 2.42 -0.12 3.48
N ARG A 8 2.11 0.54 2.37
CA ARG A 8 3.13 1.03 1.46
C ARG A 8 4.09 1.98 2.19
N TYR A 9 3.57 2.60 3.24
CA TYR A 9 4.37 3.34 4.20
C TYR A 9 3.50 3.75 5.38
N PRO A 10 2.37 4.45 5.15
CA PRO A 10 1.52 4.93 6.24
C PRO A 10 0.29 4.08 6.49
N ASN A 11 0.08 3.04 5.66
CA ASN A 11 -1.04 2.10 5.79
C ASN A 11 -2.38 2.82 5.94
N GLY A 12 -2.49 4.01 5.36
CA GLY A 12 -3.71 4.76 5.43
C GLY A 12 -4.70 4.35 4.37
N VAL A 13 -4.35 4.57 3.11
CA VAL A 13 -5.18 4.13 2.01
C VAL A 13 -4.79 2.70 1.63
N LEU A 14 -5.31 1.76 2.38
CA LEU A 14 -5.02 0.36 2.17
C LEU A 14 -6.01 -0.24 1.17
N ALA A 15 -5.51 -0.62 0.01
CA ALA A 15 -6.33 -1.34 -0.95
C ALA A 15 -5.72 -2.69 -1.25
N CYS A 16 -4.47 -2.66 -1.73
CA CYS A 16 -3.68 -3.87 -1.98
C CYS A 16 -4.26 -4.71 -3.11
N THR A 17 -3.66 -4.59 -4.29
CA THR A 17 -4.10 -5.34 -5.44
C THR A 17 -2.90 -5.69 -6.31
N TYR A 1 4.77 2.43 -10.86
CA TYR A 1 6.12 2.48 -10.29
C TYR A 1 6.24 1.53 -9.12
N ALA A 2 5.25 1.56 -8.24
CA ALA A 2 5.26 0.71 -7.05
C ALA A 2 3.90 0.06 -6.83
N SER A 3 3.91 -1.23 -6.55
CA SER A 3 2.70 -1.96 -6.22
C SER A 3 2.12 -1.43 -4.91
N PRO A 4 0.78 -1.32 -4.82
CA PRO A 4 0.09 -0.85 -3.62
C PRO A 4 0.07 -1.91 -2.51
N LYS A 5 1.25 -2.36 -2.10
CA LYS A 5 1.37 -3.35 -1.05
C LYS A 5 0.94 -2.77 0.29
N CYS A 6 0.49 -3.65 1.17
CA CYS A 6 -0.05 -3.24 2.45
C CYS A 6 1.00 -2.45 3.23
N PHE A 7 0.52 -1.53 4.07
CA PHE A 7 1.38 -0.57 4.76
C PHE A 7 2.48 -0.06 3.85
N ARG A 8 2.05 0.44 2.71
CA ARG A 8 2.95 0.85 1.68
C ARG A 8 3.89 1.94 2.17
N TYR A 9 3.42 2.67 3.15
CA TYR A 9 4.24 3.58 3.93
C TYR A 9 3.50 3.92 5.23
N PRO A 10 2.25 4.43 5.16
CA PRO A 10 1.50 4.78 6.35
C PRO A 10 0.37 3.79 6.70
N ASN A 11 0.10 2.83 5.79
CA ASN A 11 -1.01 1.88 5.92
C ASN A 11 -2.34 2.60 6.15
N GLY A 12 -2.36 3.89 5.88
CA GLY A 12 -3.58 4.65 5.94
C GLY A 12 -4.47 4.34 4.77
N VAL A 13 -3.99 4.64 3.57
CA VAL A 13 -4.65 4.18 2.35
C VAL A 13 -4.18 2.76 2.06
N LEU A 14 -5.10 1.90 1.69
CA LEU A 14 -4.76 0.53 1.40
C LEU A 14 -5.34 0.11 0.06
N ALA A 15 -4.76 -0.93 -0.51
CA ALA A 15 -5.13 -1.40 -1.84
C ALA A 15 -4.50 -2.76 -2.11
N CYS A 16 -4.63 -3.67 -1.16
CA CYS A 16 -3.96 -4.97 -1.25
C CYS A 16 -4.82 -6.10 -0.71
N THR A 17 -5.67 -6.64 -1.57
CA THR A 17 -6.48 -7.81 -1.23
C THR A 17 -6.59 -8.73 -2.44
#